data_8INB
#
_entry.id   8INB
#
_cell.length_a   1.00
_cell.length_b   1.00
_cell.length_c   1.00
_cell.angle_alpha   90.00
_cell.angle_beta   90.00
_cell.angle_gamma   90.00
#
_symmetry.space_group_name_H-M   'P 1'
#
loop_
_entity.id
_entity.type
_entity.pdbx_description
1 polymer Cas12j-SF05
2 polymer crRNA
3 polymer TS-DNA
4 polymer NTS-DNA
#
loop_
_entity_poly.entity_id
_entity_poly.type
_entity_poly.pdbx_seq_one_letter_code
_entity_poly.pdbx_strand_id
1 'polypeptide(L)'
;MTPKTETPVGALIKKFFPGKRFQKNYLKDAGKKLKREGEAAAVEYLSGKQEDHPANFCPPAKVNILAQSRPLSEWPINLV
SKGVQEYVYGLTAAEREANGDFGTSRKSLDRWFARTGVPTHGYTTVQGLNLILRHTFNRYDGVIKKVETRNEKRRSKATR
INVSREADGLPPIEAEPEETAFGPDGKLKERPGINPSIYCYQQVSPVPYNPAKHPALPFSGVDPGAPLPLGTPNRLSIPK
GQPGYVPEWQRPHLSTKNKRIRKWYARANWRRKPGRKSVLDEAKLKEAALKEAIPIIVTIGKDWIVMDARGLLRAVYWRG
IAKPGLSLKELLGFFSGDPVLDPKRGIATFTFKLGAVAVHSRKPTRGKKSKELLLSMTAEKPHVGLVAIDLGQTNPVAAE
FSRVKREGETLQAEPLGQIVLPDDLVKDLTRYRRAWDATEEQIKAEAIVQLPEECRAEVVKVNQMSAEETKHLILDRGVS
GDLPWEKMTSNTTFISDHLLAKGVTDQVFFEKKSKGKKKGTETVKRKDYGWVKLLRPRLSQETRKAVNDKTWELKRASTE
YVRLSRRKTELARRCVNYIVRETKRWTQCEDIAIVIEDLNVRFFHGSGERPDGWDNFFISKRENRWFIQVLHKAFSDLAL
HRGLPVIEANPARTSITCIRCGHCDRNNRHGEMFLCLSCNDLRHADREIATRNLTRVAVTGEMIPRRIEPGEQSGDTKKA
RSARKGKKAVISKREAA
;
A
2 'polyribonucleotide' GCCGUCAACGUUCAACGCUUGCUCGGUUCGCCGAGACUCCCCUACGUGCUGCUGAAG B
3 'polydeoxyribonucleotide'
;(DG)(DA)(DA)(DT)(DT)(DG)(DA)(DA)(DG)(DC)(DT)(DG)(DC)(DC)(DC)(DT)(DT)(DG)(DC)(DA)
(DA)(DC)(DT)(DT)(DC)(DA)(DG)(DC)(DA)(DG)(DC)(DA)(DC)(DG)(DT)(DA)(DG)(DG)(DG)(DG)
(DA)(DG)(DA)(DA)(DT)(DT)(DG)(DG)(DC)(DC)(DA)(DC)(DA)(DC)(DA)
;
C
4 'polydeoxyribonucleotide'
;(DT)(DG)(DT)(DG)(DT)(DG)(DG)(DC)(DC)(DA)(DA)(DT)(DT)(DC)(DT)(DC)(DC)(DC)(DC)(DT)
(DA)(DC)(DG)(DT)(DG)(DC)(DT)(DG)(DC)(DT)(DG)(DA)(DA)(DG)(DT)(DT)(DG)(DC)(DA)(DA)
(DG)(DG)(DG)(DC)(DA)(DG)(DC)(DT)(DT)(DC)(DA)(DA)(DT)(DT)(DC)
;
D
#
loop_
_chem_comp.id
_chem_comp.type
_chem_comp.name
_chem_comp.formula
A RNA linking ADENOSINE-5'-MONOPHOSPHATE 'C10 H14 N5 O7 P'
C RNA linking CYTIDINE-5'-MONOPHOSPHATE 'C9 H14 N3 O8 P'
DA DNA linking 2'-DEOXYADENOSINE-5'-MONOPHOSPHATE 'C10 H14 N5 O6 P'
DC DNA linking 2'-DEOXYCYTIDINE-5'-MONOPHOSPHATE 'C9 H14 N3 O7 P'
DG DNA linking 2'-DEOXYGUANOSINE-5'-MONOPHOSPHATE 'C10 H14 N5 O7 P'
DT DNA linking THYMIDINE-5'-MONOPHOSPHATE 'C10 H15 N2 O8 P'
G RNA linking GUANOSINE-5'-MONOPHOSPHATE 'C10 H14 N5 O8 P'
U RNA linking URIDINE-5'-MONOPHOSPHATE 'C9 H13 N2 O9 P'
#
# COMPACT_ATOMS: atom_id res chain seq x y z
N PRO A 54 1.64 -15.58 -16.95
CA PRO A 54 0.89 -14.37 -17.24
C PRO A 54 0.93 -13.37 -16.09
N ALA A 55 1.57 -12.22 -16.32
CA ALA A 55 1.70 -11.20 -15.29
C ALA A 55 0.34 -10.61 -14.97
N ASN A 56 0.02 -10.52 -13.66
CA ASN A 56 -1.28 -10.04 -13.24
C ASN A 56 -1.18 -9.15 -12.00
N PHE A 57 -0.04 -8.50 -11.79
CA PHE A 57 0.15 -7.59 -10.66
C PHE A 57 0.50 -6.20 -11.16
N CYS A 58 -0.11 -5.19 -10.53
CA CYS A 58 0.06 -3.80 -10.91
C CYS A 58 0.37 -2.97 -9.66
N PRO A 59 1.64 -2.80 -9.33
CA PRO A 59 2.01 -2.01 -8.14
C PRO A 59 1.74 -0.54 -8.37
N PRO A 60 1.57 0.24 -7.31
CA PRO A 60 1.26 1.66 -7.45
C PRO A 60 2.51 2.51 -7.64
N ALA A 61 2.28 3.74 -8.11
CA ALA A 61 3.33 4.75 -8.23
C ALA A 61 2.70 6.11 -8.02
N LYS A 62 3.23 6.87 -7.08
CA LYS A 62 2.60 8.10 -6.62
C LYS A 62 3.36 9.32 -7.13
N VAL A 63 2.61 10.37 -7.46
CA VAL A 63 3.17 11.63 -7.93
C VAL A 63 2.59 12.76 -7.09
N ASN A 64 3.27 13.90 -7.11
CA ASN A 64 2.87 15.07 -6.34
C ASN A 64 2.10 16.05 -7.20
N ILE A 65 1.14 16.75 -6.59
CA ILE A 65 0.36 17.77 -7.27
C ILE A 65 1.10 19.09 -7.20
N LEU A 66 1.28 19.73 -8.35
CA LEU A 66 2.02 20.99 -8.43
C LEU A 66 1.11 22.21 -8.40
N ALA A 67 -0.04 22.17 -9.07
CA ALA A 67 -0.96 23.29 -9.07
C ALA A 67 -2.35 22.82 -9.41
N GLN A 68 -3.35 23.60 -8.99
CA GLN A 68 -4.76 23.30 -9.23
C GLN A 68 -5.48 24.55 -9.67
N SER A 69 -6.58 24.35 -10.40
CA SER A 69 -7.47 25.46 -10.72
C SER A 69 -8.20 25.93 -9.48
N ARG A 70 -8.74 24.99 -8.71
CA ARG A 70 -9.33 25.26 -7.40
C ARG A 70 -9.27 23.96 -6.60
N PRO A 71 -9.40 24.04 -5.28
CA PRO A 71 -9.24 22.83 -4.45
C PRO A 71 -10.09 21.66 -4.95
N LEU A 72 -9.51 20.46 -4.81
CA LEU A 72 -10.12 19.26 -5.39
C LEU A 72 -11.46 18.91 -4.78
N SER A 73 -11.74 19.40 -3.57
CA SER A 73 -13.00 19.09 -2.92
C SER A 73 -14.19 19.84 -3.52
N GLU A 74 -13.93 20.91 -4.28
CA GLU A 74 -14.99 21.72 -4.85
C GLU A 74 -15.36 21.33 -6.27
N TRP A 75 -14.72 20.31 -6.83
CA TRP A 75 -15.02 19.92 -8.20
C TRP A 75 -16.42 19.32 -8.30
N PRO A 76 -17.10 19.49 -9.43
CA PRO A 76 -18.42 18.85 -9.58
C PRO A 76 -18.38 17.34 -9.46
N ILE A 77 -17.30 16.70 -9.90
CA ILE A 77 -17.21 15.24 -9.81
C ILE A 77 -17.16 14.80 -8.35
N ASN A 78 -16.37 15.48 -7.53
CA ASN A 78 -16.32 15.16 -6.12
C ASN A 78 -17.65 15.41 -5.44
N LEU A 79 -18.32 16.51 -5.79
CA LEU A 79 -19.61 16.81 -5.18
C LEU A 79 -20.66 15.78 -5.54
N VAL A 80 -20.70 15.35 -6.80
CA VAL A 80 -21.68 14.35 -7.20
C VAL A 80 -21.36 13.00 -6.55
N SER A 81 -20.08 12.66 -6.43
CA SER A 81 -19.71 11.43 -5.74
C SER A 81 -20.15 11.47 -4.28
N LYS A 82 -19.91 12.59 -3.60
CA LYS A 82 -20.31 12.70 -2.20
C LYS A 82 -21.82 12.64 -2.06
N GLY A 83 -22.56 13.29 -2.96
CA GLY A 83 -24.01 13.24 -2.89
C GLY A 83 -24.55 11.84 -3.10
N VAL A 84 -24.02 11.14 -4.10
CA VAL A 84 -24.46 9.77 -4.35
C VAL A 84 -24.16 8.88 -3.16
N GLN A 85 -22.96 9.02 -2.57
CA GLN A 85 -22.59 8.20 -1.43
C GLN A 85 -23.47 8.50 -0.22
N GLU A 86 -23.79 9.77 0.01
CA GLU A 86 -24.68 10.12 1.12
C GLU A 86 -26.07 9.53 0.89
N TYR A 87 -26.57 9.59 -0.34
CA TYR A 87 -27.93 9.11 -0.60
C TYR A 87 -28.02 7.59 -0.48
N VAL A 88 -27.10 6.86 -1.13
CA VAL A 88 -27.27 5.42 -1.26
C VAL A 88 -27.19 4.73 0.10
N TYR A 89 -26.26 5.15 0.95
CA TYR A 89 -26.04 4.46 2.22
C TYR A 89 -27.27 4.55 3.12
N GLY A 90 -28.04 5.64 3.00
CA GLY A 90 -29.23 5.78 3.80
C GLY A 90 -30.40 4.93 3.33
N LEU A 91 -30.29 4.32 2.16
CA LEU A 91 -31.38 3.51 1.63
C LEU A 91 -31.58 2.25 2.48
N THR A 92 -32.83 1.90 2.73
CA THR A 92 -33.14 0.71 3.48
C THR A 92 -32.96 -0.53 2.61
N ALA A 93 -33.27 -1.69 3.18
CA ALA A 93 -33.13 -2.95 2.45
C ALA A 93 -34.06 -3.00 1.23
N ALA A 94 -35.31 -2.57 1.39
CA ALA A 94 -36.25 -2.62 0.28
C ALA A 94 -36.00 -1.48 -0.71
N GLU A 95 -35.47 -0.36 -0.24
CA GLU A 95 -35.29 0.79 -1.11
C GLU A 95 -34.14 0.58 -2.08
N ARG A 96 -33.17 -0.27 -1.73
CA ARG A 96 -32.05 -0.53 -2.64
C ARG A 96 -32.53 -1.20 -3.92
N GLU A 97 -33.45 -2.15 -3.82
CA GLU A 97 -33.97 -2.82 -5.02
C GLU A 97 -34.71 -1.84 -5.90
N ALA A 98 -35.45 -0.90 -5.31
CA ALA A 98 -36.13 0.11 -6.10
C ALA A 98 -35.14 1.05 -6.78
N ASN A 99 -34.19 1.59 -6.02
CA ASN A 99 -33.14 2.44 -6.58
C ASN A 99 -31.87 1.64 -6.90
N GLY A 100 -32.04 0.52 -7.60
CA GLY A 100 -30.90 -0.25 -8.04
C GLY A 100 -30.88 -0.49 -9.54
N ASP A 101 -31.54 0.39 -10.29
CA ASP A 101 -31.65 0.29 -11.73
C ASP A 101 -30.96 1.46 -12.41
N PHE A 102 -29.76 1.81 -11.94
CA PHE A 102 -29.06 2.97 -12.50
C PHE A 102 -28.63 2.72 -13.94
N GLY A 103 -28.25 1.49 -14.28
CA GLY A 103 -27.95 1.13 -15.65
C GLY A 103 -26.66 1.72 -16.21
N THR A 104 -26.08 1.03 -17.18
CA THR A 104 -24.87 1.51 -17.87
C THR A 104 -25.22 2.17 -19.20
N SER A 105 -25.95 3.28 -19.12
CA SER A 105 -26.33 4.02 -20.31
C SER A 105 -26.69 5.44 -19.91
N ARG A 106 -26.82 6.31 -20.93
CA ARG A 106 -27.12 7.71 -20.67
C ARG A 106 -28.56 7.89 -20.20
N LYS A 107 -29.51 7.25 -20.89
CA LYS A 107 -30.91 7.39 -20.51
C LYS A 107 -31.18 6.83 -19.13
N SER A 108 -30.59 5.67 -18.82
CA SER A 108 -30.79 5.07 -17.49
C SER A 108 -30.22 5.96 -16.40
N LEU A 109 -29.04 6.52 -16.61
CA LEU A 109 -28.45 7.42 -15.61
C LEU A 109 -29.30 8.67 -15.43
N ASP A 110 -29.79 9.24 -16.54
CA ASP A 110 -30.62 10.43 -16.45
C ASP A 110 -31.91 10.15 -15.69
N ARG A 111 -32.56 9.01 -15.97
CA ARG A 111 -33.80 8.70 -15.27
C ARG A 111 -33.54 8.34 -13.81
N TRP A 112 -32.37 7.75 -13.51
CA TRP A 112 -32.03 7.50 -12.11
C TRP A 112 -31.85 8.80 -11.35
N PHE A 113 -31.18 9.78 -11.96
CA PHE A 113 -31.01 11.05 -11.27
C PHE A 113 -32.30 11.85 -11.20
N ALA A 114 -33.21 11.64 -12.16
CA ALA A 114 -34.50 12.33 -12.13
C ALA A 114 -35.42 11.74 -11.07
N ARG A 115 -35.46 10.40 -10.99
CA ARG A 115 -36.36 9.74 -10.05
C ARG A 115 -36.00 10.08 -8.60
N THR A 116 -34.72 9.97 -8.26
CA THR A 116 -34.25 10.41 -6.95
C THR A 116 -34.04 11.92 -6.96
N GLY A 117 -33.42 12.44 -5.92
CA GLY A 117 -33.26 13.88 -5.82
C GLY A 117 -31.82 14.35 -5.65
N VAL A 118 -30.87 13.50 -5.99
CA VAL A 118 -29.46 13.89 -5.86
C VAL A 118 -29.12 14.92 -6.93
N PRO A 119 -28.61 16.09 -6.56
CA PRO A 119 -28.24 17.09 -7.59
C PRO A 119 -27.05 16.60 -8.41
N THR A 120 -27.24 16.59 -9.73
CA THR A 120 -26.19 16.14 -10.62
C THR A 120 -24.98 17.07 -10.62
N HIS A 121 -25.15 18.30 -10.11
CA HIS A 121 -24.05 19.25 -9.93
C HIS A 121 -23.36 19.59 -11.24
N GLY A 122 -24.05 19.42 -12.36
CA GLY A 122 -23.48 19.73 -13.65
C GLY A 122 -22.70 18.57 -14.25
N TYR A 123 -22.30 17.62 -13.41
CA TYR A 123 -21.54 16.47 -13.89
C TYR A 123 -22.49 15.45 -14.51
N THR A 124 -22.42 15.33 -15.85
CA THR A 124 -23.30 14.43 -16.58
C THR A 124 -22.52 13.56 -17.57
N THR A 125 -21.39 13.01 -17.14
CA THR A 125 -20.56 12.17 -18.00
C THR A 125 -20.82 10.70 -17.70
N VAL A 126 -21.17 9.93 -18.74
CA VAL A 126 -21.47 8.52 -18.54
C VAL A 126 -20.25 7.78 -18.04
N GLN A 127 -19.11 7.96 -18.72
CA GLN A 127 -17.84 7.36 -18.28
C GLN A 127 -17.34 8.15 -17.08
N GLY A 128 -17.58 7.64 -15.88
CA GLY A 128 -17.21 8.36 -14.68
C GLY A 128 -18.35 8.38 -13.69
N LEU A 129 -19.59 8.47 -14.19
CA LEU A 129 -20.74 8.22 -13.35
C LEU A 129 -20.98 6.73 -13.18
N ASN A 130 -20.55 5.93 -14.16
CA ASN A 130 -20.60 4.48 -14.00
C ASN A 130 -19.65 4.01 -12.93
N LEU A 131 -18.52 4.70 -12.75
CA LEU A 131 -17.59 4.35 -11.70
C LEU A 131 -18.11 4.78 -10.34
N ILE A 132 -18.71 5.97 -10.27
CA ILE A 132 -19.22 6.47 -9.00
C ILE A 132 -20.35 5.60 -8.48
N LEU A 133 -21.32 5.28 -9.34
CA LEU A 133 -22.50 4.56 -8.89
C LEU A 133 -22.18 3.10 -8.59
N ARG A 134 -21.42 2.44 -9.47
CA ARG A 134 -21.13 1.02 -9.29
C ARG A 134 -20.28 0.79 -8.04
N HIS A 135 -19.31 1.67 -7.78
CA HIS A 135 -18.54 1.56 -6.55
C HIS A 135 -19.43 1.78 -5.33
N THR A 136 -20.32 2.77 -5.41
CA THR A 136 -21.13 3.15 -4.25
C THR A 136 -22.11 2.05 -3.88
N PHE A 137 -22.72 1.39 -4.86
CA PHE A 137 -23.65 0.31 -4.57
C PHE A 137 -22.92 -0.96 -4.14
N ASN A 138 -21.67 -1.14 -4.58
CA ASN A 138 -20.90 -2.30 -4.15
C ASN A 138 -20.46 -2.16 -2.70
N ARG A 139 -20.30 -0.92 -2.23
CA ARG A 139 -20.01 -0.72 -0.81
C ARG A 139 -21.24 -1.01 0.03
N TYR A 140 -22.43 -0.75 -0.50
CA TYR A 140 -23.66 -1.10 0.20
C TYR A 140 -23.81 -2.60 0.32
N ASP A 141 -23.45 -3.34 -0.73
CA ASP A 141 -23.49 -4.80 -0.66
C ASP A 141 -22.34 -5.35 0.16
N GLY A 142 -21.30 -4.54 0.39
CA GLY A 142 -20.15 -5.03 1.14
C GLY A 142 -20.47 -5.33 2.59
N VAL A 143 -21.21 -4.43 3.24
CA VAL A 143 -21.57 -4.65 4.64
C VAL A 143 -22.53 -5.82 4.78
N ILE A 144 -23.39 -6.02 3.79
CA ILE A 144 -24.29 -7.18 3.80
C ILE A 144 -23.49 -8.45 3.60
N LYS A 145 -22.49 -8.43 2.71
CA LYS A 145 -21.68 -9.61 2.45
C LYS A 145 -20.90 -10.04 3.68
N LYS A 146 -20.49 -9.09 4.53
CA LYS A 146 -19.74 -9.44 5.73
C LYS A 146 -20.58 -10.30 6.68
N VAL A 147 -21.78 -9.84 7.02
CA VAL A 147 -22.63 -10.61 7.91
C VAL A 147 -23.09 -11.89 7.22
N GLU A 148 -23.30 -11.84 5.90
CA GLU A 148 -23.70 -13.04 5.18
C GLU A 148 -22.64 -14.13 5.25
N THR A 149 -21.36 -13.76 5.08
CA THR A 149 -20.32 -14.77 5.15
C THR A 149 -20.06 -15.23 6.59
N ARG A 150 -20.22 -14.32 7.57
CA ARG A 150 -20.12 -14.74 8.96
C ARG A 150 -21.20 -15.76 9.30
N ASN A 151 -22.43 -15.47 8.90
CA ASN A 151 -23.53 -16.40 9.14
C ASN A 151 -23.37 -17.68 8.34
N GLU A 152 -22.75 -17.61 7.16
CA GLU A 152 -22.49 -18.83 6.39
C GLU A 152 -21.49 -19.73 7.10
N LYS A 153 -20.41 -19.15 7.64
CA LYS A 153 -19.46 -19.95 8.40
C LYS A 153 -20.12 -20.54 9.65
N ARG A 154 -20.91 -19.71 10.35
CA ARG A 154 -21.59 -20.19 11.55
C ARG A 154 -22.58 -21.30 11.23
N ARG A 155 -23.31 -21.18 10.12
CA ARG A 155 -24.26 -22.20 9.72
C ARG A 155 -23.57 -23.47 9.26
N SER A 156 -22.39 -23.35 8.63
CA SER A 156 -21.62 -24.54 8.29
C SER A 156 -21.16 -25.26 9.56
N LYS A 157 -20.70 -24.50 10.56
CA LYS A 157 -20.37 -25.09 11.85
C LYS A 157 -21.57 -25.81 12.45
N ALA A 158 -22.73 -25.16 12.42
CA ALA A 158 -23.94 -25.76 12.99
C ALA A 158 -24.32 -27.02 12.23
N THR A 159 -24.25 -26.98 10.89
CA THR A 159 -24.59 -28.14 10.08
C THR A 159 -23.66 -29.31 10.37
N ARG A 160 -22.36 -29.07 10.51
CA ARG A 160 -21.44 -30.15 10.85
C ARG A 160 -21.73 -30.73 12.23
N ILE A 161 -21.80 -29.86 13.24
CA ILE A 161 -21.94 -30.32 14.62
C ILE A 161 -23.26 -31.03 14.83
N ASN A 162 -24.36 -30.45 14.33
CA ASN A 162 -25.68 -31.03 14.56
C ASN A 162 -25.87 -32.33 13.79
N VAL A 163 -25.32 -32.43 12.57
CA VAL A 163 -25.43 -33.69 11.85
C VAL A 163 -24.58 -34.76 12.52
N SER A 164 -23.42 -34.38 13.07
CA SER A 164 -22.62 -35.34 13.82
C SER A 164 -23.36 -35.84 15.05
N ARG A 165 -24.02 -34.93 15.77
CA ARG A 165 -24.79 -35.33 16.94
C ARG A 165 -25.99 -36.19 16.56
N GLU A 166 -26.65 -35.86 15.45
CA GLU A 166 -27.78 -36.65 14.98
C GLU A 166 -27.34 -38.06 14.60
N ALA A 167 -26.19 -38.19 13.95
CA ALA A 167 -25.63 -39.51 13.69
C ALA A 167 -25.33 -40.25 14.99
N ASP A 168 -25.02 -39.52 16.05
CA ASP A 168 -24.82 -40.09 17.38
C ASP A 168 -26.10 -40.17 18.19
N GLY A 169 -27.24 -39.74 17.63
CA GLY A 169 -28.51 -39.80 18.31
C GLY A 169 -28.91 -38.54 19.06
N LEU A 170 -27.99 -37.59 19.23
CA LEU A 170 -28.32 -36.36 19.93
C LEU A 170 -29.10 -35.41 19.01
N PRO A 171 -30.26 -34.91 19.44
CA PRO A 171 -31.02 -34.01 18.58
C PRO A 171 -30.28 -32.71 18.38
N PRO A 172 -30.49 -32.03 17.25
CA PRO A 172 -29.81 -30.77 17.00
C PRO A 172 -30.23 -29.69 18.00
N ILE A 173 -29.31 -28.76 18.26
CA ILE A 173 -29.56 -27.65 19.16
C ILE A 173 -30.43 -26.62 18.45
N GLU A 174 -31.00 -25.69 19.21
CA GLU A 174 -31.86 -24.67 18.62
C GLU A 174 -31.06 -23.77 17.68
N ALA A 175 -31.72 -23.32 16.61
CA ALA A 175 -31.08 -22.45 15.65
C ALA A 175 -30.76 -21.08 16.27
N GLU A 176 -29.54 -20.63 16.04
CA GLU A 176 -29.09 -19.37 16.62
C GLU A 176 -29.67 -18.18 15.87
N PRO A 177 -29.90 -17.07 16.56
CA PRO A 177 -30.46 -15.87 15.91
C PRO A 177 -29.43 -15.16 15.05
N GLU A 178 -29.29 -15.59 13.79
CA GLU A 178 -28.27 -15.05 12.91
C GLU A 178 -28.36 -13.54 12.80
N GLU A 179 -27.20 -12.89 12.77
CA GLU A 179 -27.14 -11.43 12.78
C GLU A 179 -27.65 -10.87 11.45
N THR A 180 -28.28 -9.70 11.53
CA THR A 180 -28.76 -8.98 10.36
C THR A 180 -27.97 -7.69 10.21
N ALA A 181 -27.70 -7.30 8.95
CA ALA A 181 -26.94 -6.09 8.70
C ALA A 181 -27.75 -4.82 8.87
N PHE A 182 -29.07 -4.92 8.96
CA PHE A 182 -29.95 -3.76 9.03
C PHE A 182 -30.43 -3.56 10.46
N GLY A 183 -30.48 -2.31 10.89
CA GLY A 183 -30.79 -1.98 12.26
C GLY A 183 -32.26 -2.12 12.60
N PRO A 184 -32.73 -1.29 13.53
CA PRO A 184 -34.11 -1.44 14.02
C PRO A 184 -35.18 -1.30 12.95
N ASP A 185 -35.25 -0.15 12.28
CA ASP A 185 -36.32 0.05 11.32
C ASP A 185 -35.98 -0.52 9.94
N GLY A 186 -35.04 0.11 9.24
CA GLY A 186 -34.57 -0.44 7.99
C GLY A 186 -33.14 -0.10 7.61
N LYS A 187 -32.42 0.58 8.51
CA LYS A 187 -31.14 1.17 8.16
C LYS A 187 -29.99 0.25 8.57
N LEU A 188 -28.89 0.35 7.82
CA LEU A 188 -27.70 -0.41 8.14
C LEU A 188 -27.14 0.05 9.49
N LYS A 189 -26.81 -0.91 10.36
CA LYS A 189 -26.20 -0.56 11.64
C LYS A 189 -24.80 0.02 11.42
N GLU A 190 -23.99 -0.64 10.59
CA GLU A 190 -22.65 -0.18 10.29
C GLU A 190 -22.69 0.54 8.94
N ARG A 191 -23.10 1.80 9.00
CA ARG A 191 -23.23 2.59 7.78
C ARG A 191 -21.86 2.86 7.18
N PRO A 192 -21.64 2.53 5.91
CA PRO A 192 -20.34 2.80 5.29
C PRO A 192 -20.07 4.30 5.26
N GLY A 193 -18.79 4.66 5.38
CA GLY A 193 -18.38 6.04 5.34
C GLY A 193 -18.11 6.52 3.93
N ILE A 194 -18.10 7.83 3.78
CA ILE A 194 -17.89 8.47 2.48
C ILE A 194 -16.43 8.27 2.08
N ASN A 195 -16.22 7.82 0.85
CA ASN A 195 -14.89 7.57 0.34
C ASN A 195 -14.41 8.79 -0.42
N PRO A 196 -13.51 9.61 0.13
CA PRO A 196 -13.02 10.76 -0.63
C PRO A 196 -11.93 10.37 -1.60
N SER A 197 -12.26 10.33 -2.88
CA SER A 197 -11.32 9.97 -3.94
C SER A 197 -11.97 10.26 -5.28
N ILE A 198 -11.18 10.76 -6.22
CA ILE A 198 -11.63 11.01 -7.58
C ILE A 198 -10.99 9.94 -8.46
N TYR A 199 -11.82 9.09 -9.05
CA TYR A 199 -11.36 8.00 -9.89
C TYR A 199 -11.38 8.47 -11.34
N CYS A 200 -10.20 8.77 -11.87
CA CYS A 200 -10.10 9.25 -13.24
C CYS A 200 -10.47 8.13 -14.22
N TYR A 201 -10.82 8.52 -15.44
CA TYR A 201 -11.31 7.59 -16.44
C TYR A 201 -10.62 7.88 -17.77
N GLN A 202 -11.08 7.21 -18.83
CA GLN A 202 -10.41 7.30 -20.12
C GLN A 202 -10.45 8.71 -20.69
N GLN A 203 -11.60 9.39 -20.57
CA GLN A 203 -11.77 10.68 -21.21
C GLN A 203 -10.95 11.78 -20.55
N VAL A 204 -10.37 11.51 -19.37
CA VAL A 204 -9.60 12.51 -18.65
C VAL A 204 -8.22 11.97 -18.33
N SER A 205 -7.71 11.07 -19.17
CA SER A 205 -6.40 10.48 -18.93
C SER A 205 -5.31 11.54 -19.01
N PRO A 206 -4.26 11.42 -18.19
CA PRO A 206 -3.20 12.43 -18.18
C PRO A 206 -2.52 12.55 -19.52
N VAL A 207 -2.15 13.78 -19.87
CA VAL A 207 -1.43 14.08 -21.10
C VAL A 207 -0.27 15.00 -20.81
N PRO A 208 0.78 14.93 -21.62
CA PRO A 208 1.92 15.84 -21.43
C PRO A 208 1.50 17.30 -21.56
N TYR A 209 2.11 18.14 -20.74
CA TYR A 209 1.78 19.56 -20.73
C TYR A 209 2.17 20.23 -22.06
N ASN A 210 1.28 21.07 -22.56
CA ASN A 210 1.52 21.89 -23.73
C ASN A 210 1.01 23.29 -23.43
N PRO A 211 1.88 24.30 -23.31
CA PRO A 211 1.41 25.63 -22.93
C PRO A 211 0.34 26.20 -23.85
N ALA A 212 0.35 25.81 -25.14
CA ALA A 212 -0.60 26.37 -26.09
C ALA A 212 -2.03 25.98 -25.73
N LYS A 213 -2.29 24.70 -25.53
CA LYS A 213 -3.64 24.20 -25.31
C LYS A 213 -4.00 24.04 -23.83
N HIS A 214 -3.11 24.42 -22.93
CA HIS A 214 -3.36 24.25 -21.51
C HIS A 214 -3.19 25.57 -20.78
N PRO A 215 -3.77 25.73 -19.58
CA PRO A 215 -3.63 27.00 -18.87
C PRO A 215 -2.18 27.32 -18.55
N ALA A 216 -1.87 28.61 -18.47
CA ALA A 216 -0.51 29.05 -18.25
C ALA A 216 -0.15 28.99 -16.77
N LEU A 217 1.00 28.40 -16.48
CA LEU A 217 1.58 28.33 -15.14
C LEU A 217 3.04 28.73 -15.21
N PRO A 218 3.61 29.22 -14.10
CA PRO A 218 4.98 29.75 -14.17
C PRO A 218 6.02 28.75 -14.65
N PHE A 219 5.89 27.47 -14.30
CA PHE A 219 6.89 26.51 -14.73
C PHE A 219 6.64 26.11 -16.19
N SER A 220 7.70 25.62 -16.83
CA SER A 220 7.65 25.27 -18.23
C SER A 220 7.10 23.85 -18.42
N GLY A 221 7.07 23.40 -19.67
CA GLY A 221 6.61 22.07 -19.99
C GLY A 221 7.45 21.42 -21.08
N VAL A 222 7.90 20.20 -20.83
CA VAL A 222 8.80 19.51 -21.75
C VAL A 222 8.04 19.09 -23.01
N ASP A 223 8.78 18.75 -24.06
CA ASP A 223 8.16 18.27 -25.28
C ASP A 223 7.79 16.80 -25.13
N PRO A 224 6.53 16.41 -25.40
CA PRO A 224 6.15 15.00 -25.29
C PRO A 224 7.00 14.05 -26.12
N GLY A 225 7.46 14.47 -27.29
CA GLY A 225 8.22 13.59 -28.16
C GLY A 225 9.71 13.59 -27.92
N ALA A 226 10.20 14.65 -27.28
CA ALA A 226 11.63 14.75 -27.03
C ALA A 226 12.05 13.79 -25.92
N PRO A 227 13.28 13.29 -25.97
CA PRO A 227 13.76 12.42 -24.89
C PRO A 227 13.82 13.18 -23.57
N LEU A 228 13.57 12.45 -22.48
CA LEU A 228 13.50 13.07 -21.17
C LEU A 228 14.89 13.52 -20.71
N PRO A 229 14.96 14.61 -19.94
CA PRO A 229 16.27 15.07 -19.45
C PRO A 229 16.87 14.12 -18.43
N LEU A 230 18.05 14.46 -17.93
CA LEU A 230 18.75 13.63 -16.96
C LEU A 230 19.25 14.49 -15.81
N GLY A 231 19.86 13.85 -14.83
CA GLY A 231 20.48 14.57 -13.73
C GLY A 231 21.77 15.24 -14.16
N THR A 232 22.69 15.34 -13.22
CA THR A 232 24.02 15.84 -13.55
C THR A 232 25.02 14.69 -13.58
N PRO A 233 25.41 14.21 -14.76
CA PRO A 233 26.39 13.11 -14.83
C PRO A 233 27.76 13.53 -14.35
N ASN A 234 28.19 14.71 -14.80
CA ASN A 234 29.52 15.24 -14.48
C ASN A 234 29.55 15.94 -13.11
N ARG A 235 28.99 15.23 -12.12
CA ARG A 235 28.91 15.74 -10.76
C ARG A 235 30.25 16.22 -10.23
N LEU A 236 31.33 15.52 -10.54
CA LEU A 236 32.66 15.91 -10.09
C LEU A 236 33.18 17.16 -10.79
N SER A 237 32.52 17.63 -11.85
CA SER A 237 32.99 18.78 -12.62
C SER A 237 32.35 20.10 -12.19
N ILE A 238 31.48 20.08 -11.19
CA ILE A 238 30.84 21.31 -10.73
C ILE A 238 31.87 22.16 -9.99
N PRO A 239 32.07 23.42 -10.37
CA PRO A 239 33.07 24.25 -9.71
C PRO A 239 32.68 24.57 -8.27
N LYS A 240 33.70 24.89 -7.49
CA LYS A 240 33.51 25.22 -6.08
C LYS A 240 32.63 26.46 -5.93
N GLY A 241 31.72 26.42 -4.95
CA GLY A 241 30.81 27.51 -4.71
C GLY A 241 29.47 27.40 -5.42
N GLN A 242 29.29 26.39 -6.25
CA GLN A 242 28.06 26.15 -6.98
C GLN A 242 27.28 25.00 -6.35
N PRO A 243 25.96 24.97 -6.53
CA PRO A 243 25.18 23.84 -6.02
C PRO A 243 25.67 22.52 -6.58
N GLY A 244 25.68 21.49 -5.72
CA GLY A 244 26.17 20.19 -6.13
C GLY A 244 27.65 20.00 -6.00
N TYR A 245 28.37 20.97 -5.45
CA TYR A 245 29.82 20.89 -5.32
C TYR A 245 30.22 19.83 -4.31
N VAL A 246 31.06 18.89 -4.73
CA VAL A 246 31.55 17.82 -3.86
C VAL A 246 32.92 18.22 -3.35
N PRO A 247 33.10 18.37 -2.03
CA PRO A 247 34.39 18.84 -1.50
C PRO A 247 35.53 17.87 -1.80
N GLU A 248 36.77 18.32 -1.66
CA GLU A 248 37.92 17.48 -1.97
C GLU A 248 38.41 16.71 -0.74
N TRP A 249 37.49 16.09 0.00
CA TRP A 249 37.89 15.19 1.07
C TRP A 249 37.05 13.92 1.08
N GLN A 250 35.85 13.99 0.50
CA GLN A 250 34.97 12.83 0.39
C GLN A 250 34.92 12.26 -1.03
N ARG A 251 35.74 12.79 -1.93
CA ARG A 251 35.83 12.22 -3.27
C ARG A 251 36.31 10.77 -3.30
N PRO A 252 37.33 10.35 -2.55
CA PRO A 252 37.76 8.94 -2.64
C PRO A 252 36.68 7.94 -2.30
N HIS A 253 35.95 8.15 -1.21
CA HIS A 253 34.96 7.17 -0.76
C HIS A 253 33.57 7.44 -1.35
N LEU A 254 33.56 7.65 -2.66
CA LEU A 254 32.32 7.79 -3.41
C LEU A 254 31.87 6.42 -3.91
N SER A 255 30.56 6.17 -3.85
CA SER A 255 30.03 4.87 -4.21
C SER A 255 30.22 4.60 -5.70
N THR A 256 30.49 3.34 -6.02
CA THR A 256 30.65 2.88 -7.39
C THR A 256 29.41 2.14 -7.89
N LYS A 257 28.48 1.83 -6.99
CA LYS A 257 27.32 1.01 -7.30
C LYS A 257 26.30 1.82 -8.10
N ASN A 258 25.09 1.29 -8.20
CA ASN A 258 24.01 1.86 -8.99
C ASN A 258 23.08 2.70 -8.13
N LYS A 259 23.65 3.44 -7.18
CA LYS A 259 22.88 4.32 -6.32
C LYS A 259 21.93 5.20 -7.12
N ARG A 260 20.82 5.56 -6.50
CA ARG A 260 19.92 6.55 -7.07
C ARG A 260 20.51 7.93 -6.87
N ILE A 261 20.54 8.73 -7.92
CA ILE A 261 21.15 10.05 -7.89
C ILE A 261 20.16 11.04 -7.29
N ARG A 262 20.59 11.73 -6.23
CA ARG A 262 19.79 12.73 -5.56
C ARG A 262 20.27 14.11 -5.97
N LYS A 263 19.34 14.99 -6.32
CA LYS A 263 19.74 16.35 -6.66
C LYS A 263 19.94 17.17 -5.39
N TRP A 264 20.69 18.26 -5.54
CA TRP A 264 21.14 19.03 -4.38
C TRP A 264 19.99 19.64 -3.59
N TYR A 265 18.84 19.88 -4.22
CA TYR A 265 17.72 20.53 -3.55
C TYR A 265 16.76 19.53 -2.91
N ALA A 266 17.09 18.24 -2.91
CA ALA A 266 16.22 17.24 -2.31
C ALA A 266 16.08 17.49 -0.81
N ARG A 267 14.87 17.22 -0.29
CA ARG A 267 14.62 17.43 1.13
C ARG A 267 15.45 16.51 2.01
N ALA A 268 15.83 15.34 1.50
CA ALA A 268 16.62 14.40 2.30
C ALA A 268 18.00 14.97 2.62
N ASN A 269 18.51 15.86 1.76
CA ASN A 269 19.83 16.45 1.99
C ASN A 269 19.78 17.67 2.91
N TRP A 270 18.60 18.18 3.25
CA TRP A 270 18.50 19.38 4.04
C TRP A 270 17.57 19.27 5.24
N ARG A 271 16.94 18.11 5.46
CA ARG A 271 16.01 17.97 6.57
C ARG A 271 16.75 18.09 7.90
N ARG A 272 15.98 18.37 8.96
CA ARG A 272 16.55 18.64 10.27
C ARG A 272 16.82 17.32 11.00
N LYS A 273 18.09 17.06 11.25
CA LYS A 273 18.55 15.93 12.05
C LYS A 273 19.62 16.44 13.01
N PRO A 274 19.91 15.70 14.08
CA PRO A 274 20.86 16.22 15.08
C PRO A 274 22.23 16.55 14.53
N GLY A 275 22.69 15.86 13.49
CA GLY A 275 24.01 16.12 12.94
C GLY A 275 24.10 17.18 11.87
N ARG A 276 22.97 17.62 11.31
CA ARG A 276 22.96 18.55 10.19
C ARG A 276 22.97 19.97 10.74
N LYS A 277 24.12 20.65 10.60
CA LYS A 277 24.24 22.05 10.98
C LYS A 277 24.09 22.94 9.74
N SER A 278 22.95 22.77 9.08
CA SER A 278 22.64 23.54 7.87
C SER A 278 21.33 24.27 8.10
N VAL A 279 20.84 24.94 7.05
CA VAL A 279 19.59 25.69 7.09
C VAL A 279 18.63 25.08 6.09
N LEU A 280 17.36 24.97 6.50
CA LEU A 280 16.32 24.32 5.71
C LEU A 280 15.40 25.34 5.05
N ASP A 281 15.97 26.42 4.50
CA ASP A 281 15.18 27.40 3.77
C ASP A 281 14.34 26.70 2.71
N GLU A 282 13.02 26.71 2.88
CA GLU A 282 12.14 25.89 2.05
C GLU A 282 11.83 26.55 0.71
N ALA A 283 11.79 27.88 0.66
CA ALA A 283 11.45 28.56 -0.59
C ALA A 283 12.48 28.28 -1.68
N LYS A 284 13.76 28.33 -1.32
CA LYS A 284 14.82 28.11 -2.30
C LYS A 284 14.74 26.69 -2.87
N LEU A 285 14.57 25.69 -2.00
CA LEU A 285 14.47 24.32 -2.48
C LEU A 285 13.22 24.13 -3.33
N LYS A 286 12.11 24.74 -2.92
CA LYS A 286 10.87 24.59 -3.68
C LYS A 286 10.98 25.17 -5.08
N GLU A 287 11.54 26.37 -5.21
CA GLU A 287 11.68 26.96 -6.54
C GLU A 287 12.70 26.21 -7.37
N ALA A 288 13.81 25.78 -6.76
CA ALA A 288 14.81 25.03 -7.50
C ALA A 288 14.27 23.71 -8.01
N ALA A 289 13.39 23.07 -7.23
CA ALA A 289 12.77 21.83 -7.67
C ALA A 289 11.73 22.08 -8.74
N LEU A 290 10.95 23.17 -8.61
CA LEU A 290 9.94 23.47 -9.61
C LEU A 290 10.57 23.84 -10.95
N LYS A 291 11.79 24.39 -10.92
CA LYS A 291 12.42 24.81 -12.17
C LYS A 291 12.76 23.64 -13.09
N GLU A 292 12.75 22.41 -12.58
CA GLU A 292 13.15 21.24 -13.35
C GLU A 292 12.11 20.13 -13.27
N ALA A 293 10.84 20.50 -13.13
CA ALA A 293 9.76 19.52 -13.02
C ALA A 293 9.38 18.99 -14.40
N ILE A 294 8.62 17.89 -14.39
CA ILE A 294 8.07 17.30 -15.61
C ILE A 294 6.55 17.31 -15.49
N PRO A 295 5.87 18.33 -16.00
CA PRO A 295 4.44 18.48 -15.73
C PRO A 295 3.57 17.59 -16.63
N ILE A 296 2.58 16.94 -16.03
CA ILE A 296 1.50 16.28 -16.74
C ILE A 296 0.19 16.78 -16.15
N ILE A 297 -0.83 16.87 -17.00
CA ILE A 297 -2.07 17.56 -16.64
C ILE A 297 -3.26 16.64 -16.89
N VAL A 298 -4.24 16.72 -15.99
CA VAL A 298 -5.54 16.06 -16.15
C VAL A 298 -6.61 17.14 -16.12
N THR A 299 -7.47 17.15 -17.14
CA THR A 299 -8.51 18.16 -17.27
C THR A 299 -9.87 17.48 -17.23
N ILE A 300 -10.62 17.70 -16.16
CA ILE A 300 -11.96 17.14 -15.99
C ILE A 300 -12.94 18.29 -16.10
N GLY A 301 -13.57 18.43 -17.27
CA GLY A 301 -14.51 19.52 -17.49
C GLY A 301 -13.83 20.86 -17.59
N LYS A 302 -14.09 21.74 -16.62
CA LYS A 302 -13.48 23.06 -16.56
C LYS A 302 -12.25 23.10 -15.68
N ASP A 303 -12.18 22.25 -14.67
CA ASP A 303 -11.04 22.24 -13.77
C ASP A 303 -9.89 21.44 -14.37
N TRP A 304 -8.72 21.59 -13.76
CA TRP A 304 -7.52 20.90 -14.19
C TRP A 304 -6.58 20.74 -13.01
N ILE A 305 -5.60 19.85 -13.17
CA ILE A 305 -4.59 19.62 -12.14
C ILE A 305 -3.28 19.25 -12.82
N VAL A 306 -2.18 19.71 -12.25
CA VAL A 306 -0.85 19.50 -12.80
C VAL A 306 -0.04 18.68 -11.82
N MET A 307 0.60 17.62 -12.31
CA MET A 307 1.37 16.71 -11.47
C MET A 307 2.84 16.76 -11.86
N ASP A 308 3.68 16.29 -10.94
CA ASP A 308 5.10 16.11 -11.21
C ASP A 308 5.34 14.67 -11.60
N ALA A 309 5.82 14.44 -12.82
CA ALA A 309 5.94 13.09 -13.37
C ALA A 309 7.26 12.41 -13.03
N ARG A 310 8.12 13.05 -12.24
CA ARG A 310 9.37 12.40 -11.85
C ARG A 310 9.14 11.20 -10.96
N GLY A 311 7.99 11.12 -10.29
CA GLY A 311 7.67 9.92 -9.54
C GLY A 311 7.54 8.71 -10.45
N LEU A 312 6.84 8.87 -11.58
CA LEU A 312 6.77 7.80 -12.56
C LEU A 312 8.13 7.47 -13.13
N LEU A 313 8.96 8.50 -13.35
CA LEU A 313 10.30 8.28 -13.86
C LEU A 313 11.12 7.40 -12.92
N ARG A 314 11.12 7.72 -11.63
CA ARG A 314 11.86 6.92 -10.68
C ARG A 314 11.26 5.52 -10.55
N ALA A 315 9.93 5.42 -10.61
CA ALA A 315 9.28 4.12 -10.50
C ALA A 315 9.70 3.20 -11.63
N VAL A 316 9.76 3.72 -12.86
CA VAL A 316 10.20 2.89 -13.98
C VAL A 316 11.72 2.75 -14.01
N TYR A 317 12.46 3.61 -13.30
CA TYR A 317 13.91 3.52 -13.31
C TYR A 317 14.42 2.46 -12.35
N TRP A 318 13.94 2.47 -11.10
CA TRP A 318 14.46 1.52 -10.12
C TRP A 318 13.99 0.10 -10.41
N ARG A 319 12.85 -0.06 -11.09
CA ARG A 319 12.38 -1.38 -11.45
C ARG A 319 13.06 -1.94 -12.69
N GLY A 320 13.77 -1.10 -13.44
CA GLY A 320 14.51 -1.57 -14.60
C GLY A 320 13.66 -1.89 -15.81
N ILE A 321 12.41 -1.44 -15.85
CA ILE A 321 11.58 -1.67 -17.03
C ILE A 321 11.95 -0.74 -18.17
N ALA A 322 12.47 0.43 -17.86
CA ALA A 322 12.87 1.41 -18.88
C ALA A 322 14.24 1.96 -18.54
N LYS A 323 14.98 2.32 -19.58
CA LYS A 323 16.32 2.85 -19.46
C LYS A 323 16.32 4.35 -19.76
N PRO A 324 17.32 5.08 -19.27
CA PRO A 324 17.38 6.52 -19.56
C PRO A 324 17.42 6.78 -21.06
N GLY A 325 16.69 7.81 -21.47
CA GLY A 325 16.55 8.13 -22.87
C GLY A 325 15.20 7.81 -23.49
N LEU A 326 14.12 7.85 -22.71
CA LEU A 326 12.79 7.57 -23.19
C LEU A 326 11.93 8.82 -23.13
N SER A 327 10.93 8.87 -24.00
CA SER A 327 10.06 10.03 -24.12
C SER A 327 8.99 10.02 -23.02
N LEU A 328 8.28 11.15 -22.90
CA LEU A 328 7.18 11.22 -21.94
C LEU A 328 6.00 10.38 -22.38
N LYS A 329 5.80 10.23 -23.69
CA LYS A 329 4.69 9.41 -24.17
C LYS A 329 4.85 7.96 -23.76
N GLU A 330 6.06 7.41 -23.89
CA GLU A 330 6.30 6.04 -23.41
C GLU A 330 6.16 5.95 -21.90
N LEU A 331 6.63 6.98 -21.19
CA LEU A 331 6.52 6.98 -19.72
C LEU A 331 5.07 6.92 -19.28
N LEU A 332 4.20 7.69 -19.92
CA LEU A 332 2.78 7.58 -19.62
C LEU A 332 2.18 6.28 -20.13
N GLY A 333 2.74 5.70 -21.20
CA GLY A 333 2.24 4.43 -21.68
C GLY A 333 2.59 3.28 -20.77
N PHE A 334 3.59 3.45 -19.90
CA PHE A 334 3.89 2.43 -18.91
C PHE A 334 2.89 2.38 -17.76
N PHE A 335 1.99 3.35 -17.68
CA PHE A 335 1.03 3.43 -16.58
C PHE A 335 -0.39 3.49 -17.13
N SER A 336 -1.34 3.08 -16.28
CA SER A 336 -2.74 3.10 -16.66
C SER A 336 -3.24 4.53 -16.80
N GLY A 337 -4.23 4.71 -17.67
CA GLY A 337 -4.82 6.01 -17.89
C GLY A 337 -5.92 6.39 -16.92
N ASP A 338 -6.06 5.65 -15.82
CA ASP A 338 -7.10 5.90 -14.81
C ASP A 338 -6.45 6.05 -13.45
N PRO A 339 -5.80 7.18 -13.18
CA PRO A 339 -5.20 7.41 -11.87
C PRO A 339 -6.27 7.68 -10.82
N VAL A 340 -5.82 7.92 -9.59
CA VAL A 340 -6.71 8.22 -8.47
C VAL A 340 -6.16 9.45 -7.76
N LEU A 341 -7.01 10.46 -7.58
CA LEU A 341 -6.61 11.70 -6.93
C LEU A 341 -6.96 11.64 -5.45
N ASP A 342 -6.06 12.18 -4.62
CA ASP A 342 -6.24 12.21 -3.17
C ASP A 342 -6.36 13.66 -2.76
N PRO A 343 -7.57 14.16 -2.49
CA PRO A 343 -7.72 15.57 -2.09
C PRO A 343 -7.01 15.92 -0.80
N LYS A 344 -6.94 15.00 0.17
CA LYS A 344 -6.40 15.35 1.47
C LYS A 344 -4.88 15.56 1.41
N ARG A 345 -4.17 14.64 0.76
CA ARG A 345 -2.71 14.70 0.74
C ARG A 345 -2.22 15.61 -0.39
N GLY A 346 -2.64 15.31 -1.62
CA GLY A 346 -2.09 15.99 -2.78
C GLY A 346 -1.30 15.03 -3.63
N ILE A 347 -1.73 13.77 -3.65
CA ILE A 347 -1.02 12.71 -4.34
C ILE A 347 -1.97 12.06 -5.34
N ALA A 348 -1.47 11.89 -6.56
CA ALA A 348 -2.16 11.13 -7.59
C ALA A 348 -1.44 9.80 -7.75
N THR A 349 -2.18 8.70 -7.60
CA THR A 349 -1.60 7.36 -7.58
C THR A 349 -1.83 6.68 -8.92
N PHE A 350 -0.74 6.32 -9.59
CA PHE A 350 -0.78 5.58 -10.84
C PHE A 350 -0.47 4.12 -10.58
N THR A 351 -0.98 3.25 -11.45
CA THR A 351 -0.68 1.84 -11.39
C THR A 351 -0.18 1.37 -12.76
N PHE A 352 0.76 0.45 -12.75
CA PHE A 352 1.35 -0.03 -13.99
C PHE A 352 0.33 -0.84 -14.79
N LYS A 353 0.52 -0.87 -16.10
CA LYS A 353 -0.34 -1.65 -16.97
C LYS A 353 -0.11 -3.14 -16.74
N LEU A 354 -1.05 -3.95 -17.23
CA LEU A 354 -0.92 -5.40 -17.14
C LEU A 354 0.12 -5.85 -18.15
N GLY A 355 1.37 -5.98 -17.70
CA GLY A 355 2.45 -6.37 -18.59
C GLY A 355 3.72 -5.59 -18.33
N ALA A 356 3.60 -4.46 -17.63
CA ALA A 356 4.77 -3.66 -17.31
C ALA A 356 5.70 -4.41 -16.35
N VAL A 357 5.13 -5.00 -15.31
CA VAL A 357 5.88 -5.80 -14.36
C VAL A 357 5.79 -7.27 -14.77
N ALA A 358 6.80 -8.05 -14.38
CA ALA A 358 6.90 -9.43 -14.82
C ALA A 358 6.78 -10.40 -13.64
N VAL A 359 5.83 -10.16 -12.74
CA VAL A 359 5.57 -11.02 -11.60
C VAL A 359 4.19 -11.62 -11.74
N HIS A 360 3.94 -12.72 -11.04
CA HIS A 360 2.69 -13.46 -11.17
C HIS A 360 1.74 -13.28 -10.00
N SER A 361 2.23 -12.88 -8.83
CA SER A 361 1.39 -12.64 -7.66
C SER A 361 0.59 -13.88 -7.28
N ARG A 362 1.33 -14.92 -6.90
CA ARG A 362 0.72 -16.20 -6.54
C ARG A 362 0.35 -16.21 -5.05
N LYS A 363 0.01 -17.39 -4.52
CA LYS A 363 -0.45 -17.59 -3.16
C LYS A 363 0.52 -18.50 -2.42
N PRO A 364 0.63 -18.36 -1.08
CA PRO A 364 1.51 -19.25 -0.33
C PRO A 364 0.95 -20.65 -0.18
N THR A 365 1.17 -21.50 -1.19
CA THR A 365 0.71 -22.87 -1.14
C THR A 365 1.47 -23.65 -0.06
N ARG A 366 0.83 -24.71 0.44
CA ARG A 366 1.40 -25.51 1.51
C ARG A 366 0.84 -26.92 1.43
N GLY A 367 1.32 -27.78 2.32
CA GLY A 367 0.78 -29.12 2.44
C GLY A 367 1.09 -29.98 1.23
N LYS A 368 0.04 -30.62 0.69
CA LYS A 368 0.22 -31.54 -0.42
C LYS A 368 0.71 -30.84 -1.67
N LYS A 369 0.23 -29.61 -1.91
CA LYS A 369 0.59 -28.89 -3.12
C LYS A 369 2.06 -28.52 -3.17
N SER A 370 2.76 -28.51 -2.02
CA SER A 370 4.16 -28.09 -2.00
C SER A 370 5.03 -29.05 -2.81
N LYS A 371 4.79 -30.36 -2.65
CA LYS A 371 5.60 -31.34 -3.38
C LYS A 371 5.37 -31.22 -4.88
N GLU A 372 4.13 -31.02 -5.31
CA GLU A 372 3.86 -30.85 -6.74
C GLU A 372 4.45 -29.56 -7.26
N LEU A 373 4.42 -28.49 -6.46
CA LEU A 373 5.04 -27.24 -6.86
C LEU A 373 6.55 -27.41 -7.05
N LEU A 374 7.20 -28.08 -6.10
CA LEU A 374 8.64 -28.32 -6.23
C LEU A 374 8.96 -29.22 -7.41
N LEU A 375 8.13 -30.23 -7.67
CA LEU A 375 8.36 -31.09 -8.82
C LEU A 375 8.21 -30.32 -10.13
N SER A 376 7.17 -29.48 -10.24
CA SER A 376 6.99 -28.68 -11.44
C SER A 376 8.13 -27.69 -11.63
N MET A 377 8.61 -27.10 -10.53
CA MET A 377 9.73 -26.17 -10.63
C MET A 377 11.03 -26.87 -11.00
N THR A 378 11.22 -28.11 -10.53
CA THR A 378 12.39 -28.88 -10.95
C THR A 378 12.26 -29.35 -12.39
N ALA A 379 11.03 -29.44 -12.90
CA ALA A 379 10.85 -29.64 -14.34
C ALA A 379 11.32 -28.42 -15.12
N GLU A 380 11.25 -27.23 -14.53
CA GLU A 380 11.89 -26.03 -15.06
C GLU A 380 13.37 -26.11 -14.68
N LYS A 381 14.19 -25.12 -15.05
CA LYS A 381 15.65 -25.14 -14.99
C LYS A 381 16.16 -25.93 -13.79
N PRO A 382 17.02 -26.94 -14.01
CA PRO A 382 17.36 -27.92 -12.97
C PRO A 382 18.29 -27.39 -11.88
N HIS A 383 17.92 -26.26 -11.27
CA HIS A 383 18.65 -25.72 -10.13
C HIS A 383 17.68 -24.86 -9.34
N VAL A 384 17.17 -25.41 -8.24
CA VAL A 384 16.23 -24.73 -7.36
C VAL A 384 16.90 -24.56 -6.00
N GLY A 385 17.01 -23.31 -5.55
CA GLY A 385 17.62 -23.05 -4.26
C GLY A 385 16.60 -22.66 -3.20
N LEU A 386 16.27 -23.60 -2.32
CA LEU A 386 15.36 -23.31 -1.23
C LEU A 386 16.08 -22.59 -0.11
N VAL A 387 15.31 -21.92 0.73
CA VAL A 387 15.81 -21.29 1.94
C VAL A 387 14.81 -21.54 3.05
N ALA A 388 15.31 -21.86 4.24
CA ALA A 388 14.47 -22.10 5.41
C ALA A 388 14.59 -20.89 6.32
N ILE A 389 13.44 -20.36 6.75
CA ILE A 389 13.39 -19.08 7.44
C ILE A 389 12.93 -19.27 8.86
N ASP A 390 13.31 -20.39 9.48
CA ASP A 390 12.99 -20.59 10.90
C ASP A 390 13.46 -19.39 11.72
N LEU A 391 12.52 -18.63 12.27
CA LEU A 391 12.84 -17.42 13.04
C LEU A 391 13.28 -17.88 14.43
N GLY A 392 14.51 -18.38 14.50
CA GLY A 392 15.02 -18.98 15.72
C GLY A 392 15.39 -18.00 16.81
N GLN A 393 16.24 -18.43 17.74
CA GLN A 393 16.59 -17.63 18.89
C GLN A 393 17.59 -16.54 18.51
N THR A 394 17.82 -15.63 19.47
CA THR A 394 18.80 -14.56 19.33
C THR A 394 18.51 -13.69 18.11
N ASN A 395 19.20 -13.96 17.01
CA ASN A 395 19.05 -13.15 15.81
C ASN A 395 17.64 -13.30 15.24
N PRO A 396 17.04 -12.22 14.75
CA PRO A 396 15.66 -12.33 14.22
C PRO A 396 15.51 -13.31 13.08
N VAL A 397 16.52 -13.46 12.23
CA VAL A 397 16.44 -14.32 11.05
C VAL A 397 17.51 -15.39 11.14
N ALA A 398 17.13 -16.62 10.84
CA ALA A 398 18.06 -17.72 10.65
C ALA A 398 17.70 -18.41 9.34
N ALA A 399 18.70 -18.64 8.49
CA ALA A 399 18.47 -19.19 7.17
C ALA A 399 19.29 -20.46 6.97
N GLU A 400 18.80 -21.31 6.08
CA GLU A 400 19.46 -22.59 5.78
C GLU A 400 19.19 -22.92 4.32
N PHE A 401 20.18 -22.72 3.47
CA PHE A 401 20.00 -22.93 2.04
C PHE A 401 20.10 -24.40 1.68
N SER A 402 19.48 -24.75 0.55
CA SER A 402 19.51 -26.12 0.05
C SER A 402 19.30 -26.08 -1.46
N ARG A 403 19.54 -27.22 -2.10
CA ARG A 403 19.30 -27.41 -3.52
C ARG A 403 18.68 -28.78 -3.73
N VAL A 404 17.70 -28.86 -4.62
CA VAL A 404 17.04 -30.11 -4.96
C VAL A 404 17.05 -30.31 -6.46
N LYS A 405 17.20 -31.56 -6.88
CA LYS A 405 17.13 -31.97 -8.26
C LYS A 405 15.77 -32.63 -8.52
N ARG A 406 15.61 -33.20 -9.71
CA ARG A 406 14.43 -33.98 -10.05
C ARG A 406 14.90 -35.40 -10.34
N GLU A 407 14.96 -36.22 -9.29
CA GLU A 407 15.45 -37.59 -9.39
C GLU A 407 14.30 -38.53 -9.73
N GLY A 408 13.74 -38.32 -10.92
CA GLY A 408 12.66 -39.14 -11.41
C GLY A 408 11.31 -38.73 -10.84
N GLU A 409 11.08 -39.07 -9.57
CA GLU A 409 9.83 -38.73 -8.88
C GLU A 409 10.07 -38.04 -7.56
N THR A 410 11.12 -38.41 -6.84
CA THR A 410 11.40 -37.82 -5.54
C THR A 410 12.47 -36.71 -5.67
N LEU A 411 12.59 -35.92 -4.61
CA LEU A 411 13.57 -34.86 -4.53
C LEU A 411 14.86 -35.37 -3.90
N GLN A 412 15.95 -34.65 -4.16
CA GLN A 412 17.27 -34.96 -3.61
C GLN A 412 17.86 -33.65 -3.08
N ALA A 413 17.58 -33.34 -1.82
CA ALA A 413 18.07 -32.11 -1.22
C ALA A 413 19.58 -32.15 -1.07
N GLU A 414 20.22 -31.00 -1.28
CA GLU A 414 21.66 -30.86 -1.14
C GLU A 414 21.94 -29.66 -0.26
N PRO A 415 22.34 -29.87 0.99
CA PRO A 415 22.56 -28.72 1.89
C PRO A 415 23.72 -27.85 1.42
N LEU A 416 23.63 -26.56 1.75
CA LEU A 416 24.64 -25.60 1.33
C LEU A 416 25.09 -24.65 2.43
N GLY A 417 24.60 -24.82 3.66
CA GLY A 417 25.07 -24.00 4.77
C GLY A 417 24.02 -23.07 5.34
N GLN A 418 24.44 -22.18 6.24
CA GLN A 418 23.52 -21.29 6.94
C GLN A 418 24.16 -19.91 7.05
N ILE A 419 23.32 -18.91 7.28
CA ILE A 419 23.78 -17.53 7.37
C ILE A 419 22.95 -16.83 8.45
N VAL A 420 23.57 -15.86 9.13
CA VAL A 420 22.90 -15.04 10.12
C VAL A 420 22.89 -13.60 9.62
N LEU A 421 22.01 -12.79 10.19
CA LEU A 421 21.90 -11.41 9.77
C LEU A 421 23.21 -10.66 10.04
N PRO A 422 23.58 -9.71 9.18
CA PRO A 422 24.78 -8.91 9.45
C PRO A 422 24.60 -8.03 10.67
N ASP A 423 25.72 -7.54 11.19
CA ASP A 423 25.71 -6.80 12.45
C ASP A 423 25.08 -5.41 12.28
N ASP A 424 25.30 -4.76 11.15
CA ASP A 424 24.75 -3.43 10.93
C ASP A 424 23.22 -3.47 10.90
N LEU A 425 22.65 -4.51 10.27
CA LEU A 425 21.20 -4.64 10.23
C LEU A 425 20.63 -4.83 11.63
N VAL A 426 21.31 -5.64 12.46
CA VAL A 426 20.85 -5.85 13.83
C VAL A 426 20.97 -4.57 14.63
N LYS A 427 22.02 -3.78 14.38
CA LYS A 427 22.14 -2.48 15.04
C LYS A 427 20.98 -1.57 14.67
N ASP A 428 20.60 -1.55 13.39
CA ASP A 428 19.47 -0.75 12.96
C ASP A 428 18.18 -1.23 13.62
N LEU A 429 18.00 -2.55 13.71
CA LEU A 429 16.80 -3.09 14.36
C LEU A 429 16.78 -2.70 15.84
N THR A 430 17.93 -2.75 16.51
CA THR A 430 17.99 -2.36 17.91
C THR A 430 17.64 -0.89 18.10
N ARG A 431 18.16 -0.03 17.23
CA ARG A 431 17.82 1.39 17.32
C ARG A 431 16.33 1.61 17.07
N TYR A 432 15.75 0.89 16.11
CA TYR A 432 14.32 1.01 15.87
C TYR A 432 13.52 0.57 17.09
N ARG A 433 13.92 -0.53 17.72
CA ARG A 433 13.20 -1.00 18.90
C ARG A 433 13.31 0.00 20.04
N ARG A 434 14.48 0.62 20.19
CA ARG A 434 14.62 1.70 21.18
C ARG A 434 13.63 2.81 20.91
N ALA A 435 13.56 3.28 19.66
CA ALA A 435 12.63 4.36 19.33
C ALA A 435 11.18 3.94 19.55
N TRP A 436 10.82 2.72 19.15
CA TRP A 436 9.46 2.25 19.28
C TRP A 436 9.05 2.16 20.75
N ASP A 437 9.92 1.62 21.59
CA ASP A 437 9.62 1.56 23.01
C ASP A 437 9.54 2.95 23.62
N ALA A 438 10.40 3.87 23.16
CA ALA A 438 10.36 5.23 23.67
C ALA A 438 9.03 5.90 23.36
N THR A 439 8.51 5.71 22.14
CA THR A 439 7.24 6.33 21.81
C THR A 439 6.07 5.60 22.48
N GLU A 440 6.22 4.29 22.72
CA GLU A 440 5.15 3.53 23.37
C GLU A 440 4.98 3.95 24.82
N GLU A 441 6.09 4.10 25.54
CA GLU A 441 6.03 4.53 26.93
C GLU A 441 5.43 5.93 27.08
N GLN A 442 5.42 6.72 26.01
CA GLN A 442 4.80 8.04 26.04
C GLN A 442 3.33 7.99 25.67
N ILE A 443 2.99 7.25 24.60
CA ILE A 443 1.60 7.20 24.15
C ILE A 443 0.73 6.48 25.16
N LYS A 444 1.25 5.43 25.80
CA LYS A 444 0.47 4.74 26.82
C LYS A 444 0.17 5.66 28.00
N ALA A 445 1.17 6.43 28.45
CA ALA A 445 0.96 7.38 29.53
C ALA A 445 -0.05 8.44 29.13
N GLU A 446 0.04 8.94 27.89
CA GLU A 446 -0.91 9.94 27.43
C GLU A 446 -2.33 9.39 27.40
N ALA A 447 -2.49 8.12 26.98
CA ALA A 447 -3.79 7.49 27.00
C ALA A 447 -4.32 7.35 28.42
N ILE A 448 -3.44 6.98 29.36
CA ILE A 448 -3.86 6.84 30.75
C ILE A 448 -4.30 8.19 31.32
N VAL A 449 -3.62 9.26 30.92
CA VAL A 449 -3.96 10.59 31.44
C VAL A 449 -5.38 10.98 31.06
N GLN A 450 -5.77 10.72 29.80
CA GLN A 450 -7.07 11.15 29.29
C GLN A 450 -8.22 10.22 29.68
N LEU A 451 -8.02 9.36 30.68
CA LEU A 451 -9.11 8.51 31.15
C LEU A 451 -10.00 9.27 32.13
N PRO A 452 -11.27 8.88 32.25
CA PRO A 452 -12.15 9.53 33.24
C PRO A 452 -11.67 9.26 34.65
N GLU A 453 -11.99 10.19 35.55
CA GLU A 453 -11.47 10.14 36.91
C GLU A 453 -11.83 8.83 37.60
N GLU A 454 -13.05 8.34 37.40
CA GLU A 454 -13.44 7.07 37.98
C GLU A 454 -12.56 5.93 37.45
N CYS A 455 -12.29 5.93 36.15
CA CYS A 455 -11.35 4.97 35.57
C CYS A 455 -9.91 5.35 35.86
N ARG A 456 -9.61 6.65 35.95
CA ARG A 456 -8.23 7.09 36.17
C ARG A 456 -7.71 6.62 37.53
N ALA A 457 -8.55 6.70 38.56
CA ALA A 457 -8.13 6.23 39.88
C ALA A 457 -7.84 4.73 39.87
N GLU A 458 -8.71 3.95 39.22
CA GLU A 458 -8.49 2.51 39.14
C GLU A 458 -7.21 2.19 38.39
N VAL A 459 -6.97 2.86 37.27
CA VAL A 459 -5.75 2.61 36.50
C VAL A 459 -4.52 3.02 37.29
N VAL A 460 -4.60 4.12 38.04
CA VAL A 460 -3.50 4.52 38.91
C VAL A 460 -3.22 3.45 39.95
N LYS A 461 -4.27 2.91 40.56
CA LYS A 461 -4.10 1.81 41.51
C LYS A 461 -3.46 0.60 40.82
N VAL A 462 -3.77 0.38 39.54
CA VAL A 462 -3.13 -0.70 38.80
C VAL A 462 -1.63 -0.45 38.70
N ASN A 463 -1.23 0.80 38.40
CA ASN A 463 0.18 1.13 38.38
C ASN A 463 0.80 1.00 39.78
N GLN A 464 0.06 1.40 40.80
CA GLN A 464 0.56 1.32 42.16
C GLN A 464 0.67 -0.13 42.61
N MET A 465 1.51 -0.36 43.62
CA MET A 465 1.72 -1.69 44.16
C MET A 465 1.84 -1.58 45.68
N PRO A 537 -2.72 -6.32 43.80
CA PRO A 537 -4.08 -6.58 43.30
C PRO A 537 -4.24 -6.26 41.83
N ARG A 538 -4.87 -7.17 41.08
CA ARG A 538 -5.12 -6.99 39.65
C ARG A 538 -6.59 -7.32 39.40
N LEU A 539 -7.37 -6.29 39.10
CA LEU A 539 -8.83 -6.43 39.02
C LEU A 539 -9.35 -5.44 37.99
N SER A 540 -10.65 -5.15 38.08
CA SER A 540 -11.33 -4.18 37.21
C SER A 540 -11.24 -4.60 35.74
N GLN A 541 -11.86 -5.74 35.44
CA GLN A 541 -11.96 -6.19 34.06
C GLN A 541 -13.15 -5.50 33.39
N GLU A 542 -13.22 -4.19 33.52
CA GLU A 542 -14.15 -3.37 32.75
C GLU A 542 -13.52 -2.08 32.28
N THR A 543 -12.40 -1.66 32.88
CA THR A 543 -11.62 -0.53 32.42
C THR A 543 -10.48 -0.95 31.52
N ARG A 544 -10.16 -2.25 31.45
CA ARG A 544 -9.21 -2.73 30.46
C ARG A 544 -9.72 -2.48 29.05
N LYS A 545 -11.03 -2.66 28.84
CA LYS A 545 -11.63 -2.36 27.55
C LYS A 545 -11.49 -0.87 27.21
N ALA A 546 -11.75 0.00 28.18
CA ALA A 546 -11.61 1.44 27.96
C ALA A 546 -10.16 1.81 27.65
N VAL A 547 -9.22 1.22 28.39
CA VAL A 547 -7.80 1.48 28.14
C VAL A 547 -7.43 1.02 26.74
N ASN A 548 -7.91 -0.15 26.33
CA ASN A 548 -7.63 -0.65 24.98
C ASN A 548 -8.19 0.28 23.91
N ASP A 549 -9.45 0.71 24.08
CA ASP A 549 -10.07 1.57 23.09
C ASP A 549 -9.37 2.93 23.01
N LYS A 550 -9.04 3.52 24.16
CA LYS A 550 -8.34 4.80 24.17
C LYS A 550 -6.96 4.67 23.54
N THR A 551 -6.26 3.56 23.82
CA THR A 551 -4.96 3.34 23.23
C THR A 551 -5.06 3.19 21.72
N TRP A 552 -6.08 2.47 21.23
CA TRP A 552 -6.27 2.34 19.79
C TRP A 552 -6.54 3.71 19.16
N GLU A 553 -7.40 4.51 19.80
CA GLU A 553 -7.72 5.82 19.25
C GLU A 553 -6.49 6.73 19.21
N LEU A 554 -5.68 6.71 20.27
CA LEU A 554 -4.47 7.52 20.28
C LEU A 554 -3.45 7.02 19.26
N LYS A 555 -3.34 5.71 19.09
CA LYS A 555 -2.40 5.15 18.12
C LYS A 555 -2.81 5.48 16.70
N ARG A 556 -4.11 5.49 16.41
CA ARG A 556 -4.59 5.80 15.08
C ARG A 556 -4.35 7.24 14.66
N ALA A 557 -4.11 8.15 15.60
CA ALA A 557 -3.92 9.55 15.29
C ALA A 557 -2.53 10.08 15.64
N SER A 558 -1.66 9.26 16.20
CA SER A 558 -0.30 9.68 16.54
C SER A 558 0.56 9.55 15.29
N THR A 559 1.03 10.68 14.77
CA THR A 559 1.85 10.66 13.56
C THR A 559 3.16 9.91 13.80
N GLU A 560 3.78 10.11 14.96
CA GLU A 560 5.03 9.42 15.26
C GLU A 560 4.83 7.92 15.27
N TYR A 561 3.69 7.45 15.79
CA TYR A 561 3.41 6.02 15.76
C TYR A 561 3.27 5.52 14.34
N VAL A 562 2.65 6.30 13.44
CA VAL A 562 2.54 5.88 12.05
C VAL A 562 3.92 5.79 11.40
N ARG A 563 4.77 6.78 11.67
CA ARG A 563 6.13 6.74 11.12
C ARG A 563 6.89 5.53 11.61
N LEU A 564 6.82 5.23 12.91
CA LEU A 564 7.52 4.08 13.46
C LEU A 564 6.90 2.76 13.04
N SER A 565 5.62 2.74 12.70
CA SER A 565 4.99 1.53 12.17
C SER A 565 5.36 1.28 10.72
N ARG A 566 5.56 2.34 9.94
CA ARG A 566 6.09 2.15 8.58
C ARG A 566 7.57 1.79 8.61
N ARG A 567 8.31 2.28 9.62
CA ARG A 567 9.70 1.89 9.76
C ARG A 567 9.84 0.39 9.99
N LYS A 568 8.94 -0.19 10.78
CA LYS A 568 8.98 -1.63 11.02
C LYS A 568 8.82 -2.40 9.73
N THR A 569 7.84 -2.02 8.91
CA THR A 569 7.62 -2.69 7.63
C THR A 569 8.83 -2.53 6.72
N GLU A 570 9.40 -1.32 6.68
CA GLU A 570 10.56 -1.08 5.82
C GLU A 570 11.74 -1.95 6.25
N LEU A 571 12.00 -2.04 7.56
CA LEU A 571 13.11 -2.86 8.03
C LEU A 571 12.86 -4.34 7.78
N ALA A 572 11.61 -4.79 7.97
CA ALA A 572 11.29 -6.19 7.68
C ALA A 572 11.52 -6.52 6.21
N ARG A 573 11.08 -5.62 5.31
CA ARG A 573 11.31 -5.83 3.89
C ARG A 573 12.80 -5.80 3.57
N ARG A 574 13.57 -4.98 4.28
CA ARG A 574 15.02 -5.01 4.12
C ARG A 574 15.58 -6.38 4.46
N CYS A 575 15.11 -6.96 5.57
CA CYS A 575 15.58 -8.29 5.96
C CYS A 575 15.23 -9.34 4.91
N VAL A 576 13.99 -9.30 4.41
CA VAL A 576 13.57 -10.27 3.41
C VAL A 576 14.38 -10.10 2.13
N ASN A 577 14.61 -8.87 1.70
CA ASN A 577 15.39 -8.63 0.49
C ASN A 577 16.83 -9.12 0.66
N TYR A 578 17.41 -8.91 1.84
CA TYR A 578 18.76 -9.42 2.09
C TYR A 578 18.79 -10.94 2.01
N ILE A 579 17.80 -11.60 2.61
CA ILE A 579 17.76 -13.07 2.59
C ILE A 579 17.61 -13.57 1.16
N VAL A 580 16.75 -12.93 0.37
CA VAL A 580 16.55 -13.35 -1.01
C VAL A 580 17.82 -13.12 -1.83
N ARG A 581 18.50 -12.00 -1.61
CA ARG A 581 19.73 -11.73 -2.34
C ARG A 581 20.81 -12.76 -2.01
N GLU A 582 20.94 -13.11 -0.73
CA GLU A 582 21.95 -14.07 -0.33
C GLU A 582 21.60 -15.50 -0.73
N THR A 583 20.31 -15.83 -0.85
CA THR A 583 19.93 -17.17 -1.26
C THR A 583 20.10 -17.40 -2.75
N LYS A 584 20.29 -16.35 -3.54
CA LYS A 584 20.65 -16.50 -4.94
C LYS A 584 22.15 -16.60 -5.17
N ARG A 585 22.95 -16.17 -4.19
CA ARG A 585 24.40 -16.24 -4.29
C ARG A 585 24.95 -17.58 -3.82
N TRP A 586 24.46 -18.07 -2.68
CA TRP A 586 24.96 -19.33 -2.16
C TRP A 586 24.61 -20.50 -3.07
N THR A 587 23.37 -20.56 -3.54
CA THR A 587 22.93 -21.64 -4.41
C THR A 587 23.23 -21.38 -5.87
N GLN A 588 23.47 -20.13 -6.25
CA GLN A 588 23.70 -19.75 -7.65
C GLN A 588 22.52 -20.13 -8.54
N CYS A 589 21.31 -20.14 -7.97
CA CYS A 589 20.10 -20.47 -8.71
C CYS A 589 19.22 -19.24 -8.81
N GLU A 590 18.79 -18.92 -10.03
CA GLU A 590 17.93 -17.75 -10.24
C GLU A 590 16.59 -17.91 -9.55
N ASP A 591 15.99 -19.10 -9.65
CA ASP A 591 14.69 -19.35 -9.05
C ASP A 591 14.86 -19.92 -7.65
N ILE A 592 14.10 -19.36 -6.69
CA ILE A 592 14.23 -19.72 -5.29
C ILE A 592 12.87 -20.07 -4.72
N ALA A 593 12.89 -20.78 -3.59
CA ALA A 593 11.70 -21.10 -2.82
C ALA A 593 11.97 -20.79 -1.36
N ILE A 594 10.91 -20.41 -0.64
CA ILE A 594 11.02 -19.96 0.74
C ILE A 594 10.18 -20.86 1.62
N VAL A 595 10.76 -21.32 2.73
CA VAL A 595 10.08 -22.18 3.69
C VAL A 595 10.02 -21.46 5.03
N ILE A 596 8.81 -21.33 5.58
CA ILE A 596 8.58 -20.65 6.84
C ILE A 596 7.80 -21.58 7.75
N GLU A 597 7.76 -21.23 9.04
CA GLU A 597 6.92 -21.91 10.01
C GLU A 597 5.88 -20.94 10.55
N ASP A 598 4.71 -21.48 10.89
CA ASP A 598 3.61 -20.65 11.38
C ASP A 598 3.68 -20.47 12.89
N TRP A 626 8.29 -9.93 19.10
CA TRP A 626 8.66 -8.64 18.52
C TRP A 626 8.55 -8.64 16.99
N PHE A 627 9.60 -9.09 16.32
CA PHE A 627 9.64 -9.07 14.87
C PHE A 627 9.06 -10.33 14.25
N ILE A 628 8.55 -11.24 15.07
CA ILE A 628 8.08 -12.52 14.56
C ILE A 628 6.95 -12.31 13.55
N GLN A 629 5.90 -11.60 13.97
CA GLN A 629 4.71 -11.45 13.13
C GLN A 629 5.00 -10.57 11.92
N VAL A 630 5.70 -9.46 12.13
CA VAL A 630 5.99 -8.54 11.04
C VAL A 630 6.88 -9.20 10.01
N LEU A 631 7.90 -9.93 10.46
CA LEU A 631 8.80 -10.61 9.54
C LEU A 631 8.09 -11.72 8.78
N HIS A 632 7.21 -12.46 9.46
CA HIS A 632 6.44 -13.48 8.77
C HIS A 632 5.54 -12.86 7.71
N LYS A 633 4.92 -11.72 8.02
CA LYS A 633 4.08 -11.05 7.03
C LYS A 633 4.90 -10.55 5.85
N ALA A 634 6.08 -9.98 6.12
CA ALA A 634 6.92 -9.48 5.04
C ALA A 634 7.42 -10.62 4.17
N PHE A 635 7.67 -11.79 4.76
CA PHE A 635 8.10 -12.94 3.99
C PHE A 635 6.97 -13.56 3.19
N SER A 636 5.74 -13.50 3.71
CA SER A 636 4.60 -14.05 2.98
C SER A 636 4.15 -13.13 1.86
N ASP A 637 4.49 -11.83 1.94
CA ASP A 637 4.14 -10.89 0.88
C ASP A 637 4.92 -11.12 -0.41
N LEU A 638 5.99 -11.91 -0.37
CA LEU A 638 6.79 -12.13 -1.57
C LEU A 638 5.98 -12.87 -2.63
N ALA A 639 5.15 -13.83 -2.22
CA ALA A 639 4.28 -14.50 -3.17
C ALA A 639 3.29 -13.52 -3.78
N LEU A 640 2.74 -12.61 -2.97
CA LEU A 640 1.76 -11.65 -3.47
C LEU A 640 2.41 -10.54 -4.29
N HIS A 641 3.57 -10.05 -3.85
CA HIS A 641 4.18 -8.89 -4.49
C HIS A 641 5.14 -9.27 -5.62
N ARG A 642 6.08 -10.15 -5.36
CA ARG A 642 7.16 -10.46 -6.30
C ARG A 642 7.01 -11.82 -6.98
N GLY A 643 6.06 -12.65 -6.56
CA GLY A 643 5.78 -13.90 -7.24
C GLY A 643 6.61 -15.08 -6.81
N LEU A 644 7.57 -14.91 -5.90
CA LEU A 644 8.36 -16.04 -5.44
C LEU A 644 7.51 -16.96 -4.56
N PRO A 645 7.58 -18.27 -4.76
CA PRO A 645 6.77 -19.19 -3.95
C PRO A 645 7.16 -19.12 -2.49
N VAL A 646 6.16 -19.27 -1.62
CA VAL A 646 6.36 -19.22 -0.18
C VAL A 646 5.68 -20.42 0.46
N ILE A 647 6.48 -21.45 0.78
CA ILE A 647 5.95 -22.63 1.43
C ILE A 647 5.95 -22.44 2.95
N GLU A 648 4.97 -23.03 3.62
CA GLU A 648 4.86 -22.96 5.07
C GLU A 648 5.04 -24.36 5.63
N ALA A 649 5.99 -24.51 6.57
CA ALA A 649 6.31 -25.79 7.18
C ALA A 649 6.57 -26.88 6.14
#